data_2HR3
#
_entry.id   2HR3
#
_cell.length_a   60.251
_cell.length_b   72.281
_cell.length_c   70.043
_cell.angle_alpha   90.00
_cell.angle_beta   101.43
_cell.angle_gamma   90.00
#
_symmetry.space_group_name_H-M   'P 1 21 1'
#
loop_
_entity.id
_entity.type
_entity.pdbx_description
1 polymer 'Probable transcriptional regulator'
2 water water
#
_entity_poly.entity_id   1
_entity_poly.type   'polypeptide(L)'
_entity_poly.pdbx_seq_one_letter_code
;(MSE)PTNQDLQLAAHLRSQVTTLTRRLRREAQADPVQFSQLVVLGAIDRLGGDVTPSELAAAER(MSE)RSSNLAALLR
ELERGGLIVRHADPQDGRRTRVSLSSEGRRNLYGNRAKREEWLVRA(MSE)HACLDESERALLAAAGPLLTRLAQFEEP
;
_entity_poly.pdbx_strand_id   A,B,C,D
#
# COMPACT_ATOMS: atom_id res chain seq x y z
N PRO A 2 -22.45 -26.92 27.45
CA PRO A 2 -22.68 -26.07 26.28
C PRO A 2 -24.16 -25.86 25.88
N THR A 3 -24.74 -24.69 26.23
CA THR A 3 -26.15 -24.46 25.94
C THR A 3 -26.41 -24.39 24.45
N ASN A 4 -27.64 -24.73 24.12
CA ASN A 4 -28.15 -24.61 22.78
C ASN A 4 -28.15 -23.12 22.35
N GLN A 5 -28.34 -22.23 23.33
CA GLN A 5 -28.32 -20.76 23.09
C GLN A 5 -26.96 -20.22 22.72
N ASP A 6 -25.94 -20.95 23.12
CA ASP A 6 -24.54 -20.69 22.81
C ASP A 6 -24.32 -21.23 21.41
N LEU A 7 -24.96 -22.35 21.09
CA LEU A 7 -24.95 -22.94 19.73
C LEU A 7 -25.59 -21.98 18.71
N GLN A 8 -26.79 -21.45 19.00
CA GLN A 8 -27.35 -20.37 18.16
C GLN A 8 -26.57 -19.04 18.14
N LEU A 9 -25.83 -18.69 19.16
CA LEU A 9 -24.95 -17.50 19.07
C LEU A 9 -23.80 -17.72 18.11
N ALA A 10 -23.17 -18.89 18.21
CA ALA A 10 -22.13 -19.34 17.27
C ALA A 10 -22.58 -19.41 15.80
N ALA A 11 -23.73 -20.03 15.50
CA ALA A 11 -24.37 -20.02 14.18
C ALA A 11 -24.57 -18.63 13.58
N HIS A 12 -25.14 -17.74 14.38
CA HIS A 12 -25.25 -16.34 14.02
C HIS A 12 -23.94 -15.62 13.75
N LEU A 13 -23.04 -15.65 14.72
CA LEU A 13 -21.74 -15.05 14.56
C LEU A 13 -21.05 -15.58 13.31
N ARG A 14 -21.00 -16.91 13.14
CA ARG A 14 -20.49 -17.49 11.88
C ARG A 14 -21.12 -16.89 10.60
N SER A 15 -22.45 -16.78 10.56
CA SER A 15 -23.07 -16.38 9.29
C SER A 15 -22.79 -14.93 9.05
N GLN A 16 -22.81 -14.14 10.10
CA GLN A 16 -22.54 -12.71 10.01
C GLN A 16 -21.17 -12.31 9.52
N VAL A 17 -20.16 -13.04 9.98
CA VAL A 17 -18.78 -12.71 9.79
C VAL A 17 -18.43 -13.26 8.41
N THR A 18 -19.03 -14.38 8.01
CA THR A 18 -18.72 -14.95 6.68
C THR A 18 -19.48 -14.17 5.59
N THR A 19 -20.72 -13.88 5.85
CA THR A 19 -21.46 -13.01 5.01
C THR A 19 -20.86 -11.61 4.83
N LEU A 20 -20.40 -10.94 5.89
CA LEU A 20 -19.71 -9.70 5.68
C LEU A 20 -18.42 -9.87 4.86
N THR A 21 -17.62 -10.92 5.15
CA THR A 21 -16.38 -11.24 4.38
C THR A 21 -16.61 -11.47 2.84
N ARG A 22 -17.72 -12.07 2.51
CA ARG A 22 -18.10 -12.34 1.10
C ARG A 22 -18.56 -11.05 0.31
N ARG A 23 -19.25 -10.15 0.99
CA ARG A 23 -19.54 -8.82 0.49
C ARG A 23 -18.29 -8.01 0.22
N LEU A 24 -17.37 -7.97 1.16
CA LEU A 24 -16.08 -7.32 0.98
C LEU A 24 -15.30 -7.92 -0.17
N ARG A 25 -15.54 -9.21 -0.44
CA ARG A 25 -14.97 -9.89 -1.63
C ARG A 25 -15.48 -9.24 -2.90
N ARG A 26 -16.78 -9.15 -3.04
CA ARG A 26 -17.42 -8.38 -4.15
C ARG A 26 -16.99 -6.91 -4.28
N GLU A 27 -16.59 -6.28 -3.19
CA GLU A 27 -16.10 -4.89 -3.23
C GLU A 27 -14.65 -4.73 -3.76
N ALA A 28 -13.97 -5.84 -3.99
CA ALA A 28 -12.67 -5.81 -4.63
C ALA A 28 -12.79 -5.24 -6.05
N GLN A 29 -13.96 -5.46 -6.68
CA GLN A 29 -14.28 -4.94 -8.04
C GLN A 29 -13.32 -5.50 -9.10
N ALA A 30 -13.03 -6.78 -8.95
CA ALA A 30 -11.95 -7.42 -9.69
C ALA A 30 -12.50 -8.71 -10.27
N ASP A 31 -12.42 -8.84 -11.60
CA ASP A 31 -12.72 -10.09 -12.34
C ASP A 31 -12.04 -11.34 -11.72
N PRO A 32 -12.41 -12.56 -12.17
CA PRO A 32 -11.78 -13.84 -11.74
C PRO A 32 -10.25 -13.90 -11.63
N VAL A 33 -9.57 -13.47 -12.69
CA VAL A 33 -8.10 -13.49 -12.76
C VAL A 33 -7.49 -12.61 -11.66
N GLN A 34 -7.97 -11.37 -11.56
CA GLN A 34 -7.51 -10.40 -10.57
C GLN A 34 -7.80 -10.86 -9.17
N PHE A 35 -8.97 -11.47 -9.00
CA PHE A 35 -9.34 -11.92 -7.67
C PHE A 35 -8.46 -13.06 -7.16
N SER A 36 -8.22 -14.03 -8.01
CA SER A 36 -7.38 -15.17 -7.66
C SER A 36 -5.98 -14.71 -7.26
N GLN A 37 -5.53 -13.68 -7.96
CA GLN A 37 -4.24 -13.08 -7.75
C GLN A 37 -4.08 -12.27 -6.51
N LEU A 38 -5.12 -11.55 -6.20
CA LEU A 38 -5.22 -10.77 -4.97
C LEU A 38 -5.08 -11.62 -3.72
N VAL A 39 -5.83 -12.71 -3.66
CA VAL A 39 -5.74 -13.72 -2.60
C VAL A 39 -4.29 -14.17 -2.40
N VAL A 40 -3.62 -14.61 -3.46
CA VAL A 40 -2.22 -15.01 -3.33
C VAL A 40 -1.39 -13.86 -2.75
N LEU A 41 -1.53 -12.68 -3.33
CA LEU A 41 -0.82 -11.46 -2.88
C LEU A 41 -1.05 -11.10 -1.43
N GLY A 42 -2.31 -11.23 -1.03
CA GLY A 42 -2.65 -10.82 0.28
C GLY A 42 -2.09 -11.80 1.28
N ALA A 43 -2.18 -13.08 0.94
CA ALA A 43 -1.54 -14.13 1.64
C ALA A 43 -0.04 -13.94 1.87
N ILE A 44 0.70 -13.53 0.85
CA ILE A 44 2.14 -13.29 1.01
C ILE A 44 2.45 -12.14 1.98
N ASP A 45 1.63 -11.09 1.92
CA ASP A 45 1.85 -9.92 2.76
C ASP A 45 1.51 -10.29 4.20
N ARG A 46 0.43 -11.05 4.36
CA ARG A 46 0.07 -11.53 5.66
C ARG A 46 1.21 -12.28 6.29
N LEU A 47 1.78 -13.27 5.58
CA LEU A 47 2.88 -14.12 6.13
C LEU A 47 4.23 -13.43 6.19
N GLY A 48 4.26 -12.15 5.92
CA GLY A 48 5.44 -11.35 6.23
C GLY A 48 6.24 -11.07 4.99
N GLY A 49 5.76 -11.58 3.87
CA GLY A 49 6.26 -11.16 2.59
C GLY A 49 7.53 -11.80 2.07
N ASP A 50 8.13 -12.81 2.76
CA ASP A 50 9.29 -13.53 2.19
C ASP A 50 9.21 -15.04 2.41
N VAL A 51 8.36 -15.67 1.61
CA VAL A 51 7.75 -16.94 1.90
C VAL A 51 7.94 -17.99 0.82
N THR A 52 8.04 -19.25 1.24
CA THR A 52 8.09 -20.38 0.32
C THR A 52 6.70 -20.57 -0.30
N PRO A 53 6.67 -21.00 -1.55
CA PRO A 53 5.44 -21.51 -2.09
C PRO A 53 4.66 -22.42 -1.16
N SER A 54 5.35 -23.40 -0.56
CA SER A 54 4.81 -24.38 0.39
C SER A 54 4.12 -23.76 1.59
N GLU A 55 4.72 -22.76 2.18
CA GLU A 55 4.16 -22.20 3.36
C GLU A 55 2.86 -21.49 3.04
N LEU A 56 2.87 -20.87 1.85
CA LEU A 56 1.78 -20.14 1.30
C LEU A 56 0.63 -21.09 0.94
N ALA A 57 0.94 -22.14 0.18
CA ALA A 57 -0.05 -23.16 -0.10
C ALA A 57 -0.72 -23.65 1.23
N ALA A 58 0.10 -23.98 2.23
CA ALA A 58 -0.42 -24.49 3.47
C ALA A 58 -1.35 -23.52 4.17
N ALA A 59 -0.97 -22.25 4.23
CA ALA A 59 -1.75 -21.21 4.88
C ALA A 59 -3.05 -20.91 4.20
N GLU A 60 -3.11 -21.19 2.91
CA GLU A 60 -4.29 -20.88 2.10
C GLU A 60 -4.99 -22.20 1.79
N ARG A 61 -4.59 -23.26 2.50
CA ARG A 61 -5.07 -24.63 2.19
C ARG A 61 -5.17 -24.80 0.67
N MSE A 62 -4.25 -24.14 0.00
CA MSE A 62 -4.23 -24.19 -1.42
C MSE A 62 -3.42 -25.37 -1.81
O MSE A 62 -2.48 -25.73 -1.11
CB MSE A 62 -3.55 -22.97 -1.97
CG MSE A 62 -4.44 -21.82 -2.06
SE MSE A 62 -3.54 -20.52 -3.21
CE MSE A 62 -3.71 -21.44 -5.00
N ARG A 63 -3.75 -25.91 -2.97
CA ARG A 63 -3.06 -27.01 -3.57
C ARG A 63 -1.72 -26.56 -4.21
N SER A 64 -0.66 -27.28 -3.85
CA SER A 64 0.70 -27.08 -4.45
C SER A 64 0.62 -26.85 -5.96
N SER A 65 0.02 -27.79 -6.67
CA SER A 65 -0.15 -27.72 -8.15
C SER A 65 -0.70 -26.38 -8.65
N ASN A 66 -1.54 -25.74 -7.85
CA ASN A 66 -2.43 -24.66 -8.31
C ASN A 66 -1.83 -23.25 -8.12
N LEU A 67 -1.29 -23.07 -6.92
CA LEU A 67 -0.36 -22.02 -6.56
C LEU A 67 0.85 -21.87 -7.52
N ALA A 68 1.31 -22.99 -8.05
CA ALA A 68 2.51 -22.95 -8.88
C ALA A 68 2.17 -22.08 -10.08
N ALA A 69 0.98 -22.30 -10.61
CA ALA A 69 0.51 -21.59 -11.77
C ALA A 69 0.13 -20.12 -11.56
N LEU A 70 -0.47 -19.78 -10.40
CA LEU A 70 -0.81 -18.37 -10.11
C LEU A 70 0.45 -17.60 -9.77
N LEU A 71 1.44 -18.28 -9.22
CA LEU A 71 2.74 -17.66 -8.90
C LEU A 71 3.45 -17.37 -10.18
N ARG A 72 3.37 -18.31 -11.10
CA ARG A 72 3.78 -18.04 -12.46
C ARG A 72 3.16 -16.78 -13.05
N GLU A 73 1.86 -16.58 -12.92
CA GLU A 73 1.23 -15.38 -13.55
C GLU A 73 1.65 -14.06 -12.92
N LEU A 74 1.75 -14.08 -11.60
CA LEU A 74 2.17 -12.95 -10.78
C LEU A 74 3.58 -12.42 -11.10
N GLU A 75 4.54 -13.32 -11.29
CA GLU A 75 5.87 -12.93 -11.76
C GLU A 75 5.75 -12.30 -13.16
N ARG A 76 5.12 -12.97 -14.14
CA ARG A 76 5.03 -12.39 -15.52
C ARG A 76 4.52 -10.95 -15.43
N GLY A 77 3.54 -10.71 -14.56
CA GLY A 77 2.97 -9.37 -14.33
C GLY A 77 3.71 -8.48 -13.34
N GLY A 78 4.90 -8.85 -12.90
CA GLY A 78 5.71 -8.01 -11.97
C GLY A 78 5.15 -7.73 -10.56
N LEU A 79 4.14 -8.47 -10.13
CA LEU A 79 3.49 -8.18 -8.84
C LEU A 79 4.23 -8.88 -7.70
N ILE A 80 4.85 -10.01 -8.02
CA ILE A 80 5.75 -10.66 -7.07
C ILE A 80 7.17 -10.79 -7.62
N VAL A 81 8.08 -11.01 -6.68
CA VAL A 81 9.50 -11.25 -6.94
C VAL A 81 9.95 -12.57 -6.29
N ARG A 82 10.48 -13.45 -7.12
CA ARG A 82 10.86 -14.78 -6.69
C ARG A 82 12.39 -14.82 -6.52
N HIS A 83 12.85 -15.26 -5.35
CA HIS A 83 14.27 -15.58 -5.08
C HIS A 83 14.25 -17.03 -4.57
N ALA A 84 15.23 -17.51 -3.80
CA ALA A 84 16.65 -17.25 -3.95
C ALA A 84 17.19 -18.49 -4.65
N ARG A 91 16.15 -23.33 -1.71
CA ARG A 91 14.76 -22.98 -1.43
C ARG A 91 14.36 -21.62 -2.06
N THR A 92 13.10 -21.57 -2.51
CA THR A 92 12.56 -20.44 -3.27
C THR A 92 11.51 -19.70 -2.45
N ARG A 93 11.65 -18.38 -2.43
CA ARG A 93 10.92 -17.51 -1.60
C ARG A 93 10.31 -16.43 -2.50
N VAL A 94 9.07 -16.06 -2.24
CA VAL A 94 8.40 -15.02 -3.01
C VAL A 94 8.05 -13.86 -2.11
N SER A 95 8.15 -12.69 -2.69
CA SER A 95 7.89 -11.42 -2.12
C SER A 95 7.01 -10.52 -3.01
N LEU A 96 6.37 -9.57 -2.37
CA LEU A 96 5.69 -8.56 -3.12
C LEU A 96 6.77 -7.66 -3.73
N SER A 97 6.60 -7.36 -5.01
CA SER A 97 7.29 -6.24 -5.63
C SER A 97 6.53 -4.99 -5.17
N SER A 98 7.12 -3.81 -5.30
CA SER A 98 6.36 -2.59 -4.91
C SER A 98 5.09 -2.26 -5.78
N GLU A 99 5.09 -2.75 -7.04
CA GLU A 99 3.86 -2.84 -7.83
C GLU A 99 2.84 -3.75 -7.14
N GLY A 100 3.31 -4.87 -6.58
CA GLY A 100 2.50 -5.80 -5.81
C GLY A 100 1.85 -5.14 -4.62
N ARG A 101 2.66 -4.41 -3.85
CA ARG A 101 2.12 -3.65 -2.69
C ARG A 101 1.13 -2.62 -3.11
N ARG A 102 1.50 -1.83 -4.12
CA ARG A 102 0.67 -0.71 -4.58
C ARG A 102 -0.70 -1.25 -4.99
N ASN A 103 -0.67 -2.37 -5.70
CA ASN A 103 -1.87 -3.12 -6.04
C ASN A 103 -2.70 -3.67 -4.81
N LEU A 104 -2.08 -4.38 -3.89
CA LEU A 104 -2.81 -4.97 -2.77
C LEU A 104 -3.42 -3.92 -1.87
N TYR A 105 -2.59 -2.99 -1.44
CA TYR A 105 -2.95 -1.90 -0.55
C TYR A 105 -4.03 -1.05 -1.20
N GLY A 106 -3.80 -0.78 -2.48
CA GLY A 106 -4.81 -0.29 -3.40
C GLY A 106 -6.21 -0.87 -3.26
N ASN A 107 -6.33 -2.19 -3.31
CA ASN A 107 -7.64 -2.86 -3.32
C ASN A 107 -8.20 -2.74 -1.94
N ARG A 108 -7.32 -2.84 -0.96
CA ARG A 108 -7.74 -2.78 0.44
C ARG A 108 -8.22 -1.40 0.77
N ALA A 109 -7.62 -0.39 0.15
CA ALA A 109 -8.05 0.99 0.36
C ALA A 109 -9.48 1.18 -0.20
N LYS A 110 -9.74 0.62 -1.40
CA LYS A 110 -11.12 0.58 -1.93
C LYS A 110 -12.08 -0.09 -1.01
N ARG A 111 -11.78 -1.29 -0.53
CA ARG A 111 -12.75 -2.03 0.29
C ARG A 111 -13.13 -1.33 1.62
N GLU A 112 -12.13 -0.62 2.15
CA GLU A 112 -12.19 0.12 3.38
C GLU A 112 -12.97 1.42 3.23
N GLU A 113 -12.74 2.09 2.10
CA GLU A 113 -13.55 3.25 1.73
C GLU A 113 -15.01 2.83 1.61
N TRP A 114 -15.31 1.85 0.78
CA TRP A 114 -16.59 1.18 0.80
C TRP A 114 -17.16 1.04 2.23
N LEU A 115 -16.43 0.43 3.15
CA LEU A 115 -16.98 0.05 4.51
C LEU A 115 -17.31 1.23 5.35
N VAL A 116 -16.44 2.23 5.27
CA VAL A 116 -16.70 3.56 5.88
C VAL A 116 -18.01 4.16 5.45
N ARG A 117 -18.29 4.06 4.15
CA ARG A 117 -19.54 4.53 3.57
C ARG A 117 -20.71 3.68 3.97
N ALA A 118 -20.56 2.35 4.03
CA ALA A 118 -21.59 1.48 4.74
C ALA A 118 -21.91 1.92 6.15
N MSE A 119 -20.85 2.14 6.92
CA MSE A 119 -20.96 2.45 8.30
C MSE A 119 -21.54 3.78 8.54
O MSE A 119 -22.17 4.00 9.55
CB MSE A 119 -19.58 2.40 8.89
CG MSE A 119 -19.11 0.97 9.15
SE MSE A 119 -17.28 0.80 9.99
CE MSE A 119 -17.89 0.55 11.70
N HIS A 120 -21.40 4.71 7.59
CA HIS A 120 -22.02 6.01 7.77
C HIS A 120 -23.44 6.02 7.37
N ALA A 121 -23.80 5.07 6.52
CA ALA A 121 -25.16 5.00 5.98
C ALA A 121 -26.07 4.02 6.77
N CYS A 122 -25.49 3.09 7.51
CA CYS A 122 -26.20 1.92 8.10
C CYS A 122 -26.33 1.99 9.63
N LEU A 123 -25.47 2.79 10.25
CA LEU A 123 -25.19 2.74 11.65
C LEU A 123 -25.07 4.13 12.15
N ASP A 124 -25.44 4.38 13.42
CA ASP A 124 -25.02 5.63 14.09
C ASP A 124 -23.70 5.50 14.85
N GLU A 125 -23.31 6.57 15.49
CA GLU A 125 -22.05 6.70 16.21
C GLU A 125 -21.84 5.65 17.34
N SER A 126 -22.92 5.40 18.08
CA SER A 126 -22.88 4.51 19.21
C SER A 126 -22.80 3.06 18.72
N GLU A 127 -23.32 2.82 17.51
CA GLU A 127 -23.21 1.53 16.88
C GLU A 127 -21.83 1.22 16.29
N ARG A 128 -21.18 2.23 15.69
CA ARG A 128 -19.75 2.11 15.33
C ARG A 128 -18.82 1.88 16.53
N ALA A 129 -19.19 2.49 17.67
CA ALA A 129 -18.44 2.35 18.91
C ALA A 129 -18.51 0.90 19.48
N LEU A 130 -19.66 0.25 19.34
CA LEU A 130 -19.87 -1.16 19.65
C LEU A 130 -19.04 -2.09 18.77
N LEU A 131 -19.05 -1.79 17.49
CA LEU A 131 -18.23 -2.51 16.53
C LEU A 131 -16.76 -2.35 16.75
N ALA A 132 -16.37 -1.18 17.24
CA ALA A 132 -14.98 -0.95 17.59
C ALA A 132 -14.59 -1.79 18.83
N ALA A 133 -15.49 -1.87 19.84
CA ALA A 133 -15.30 -2.75 21.03
C ALA A 133 -15.37 -4.23 20.69
N ALA A 134 -16.21 -4.59 19.75
CA ALA A 134 -16.46 -5.99 19.44
C ALA A 134 -15.49 -6.62 18.48
N GLY A 135 -14.88 -5.82 17.63
CA GLY A 135 -14.06 -6.29 16.54
C GLY A 135 -12.80 -6.96 17.04
N PRO A 136 -12.16 -6.31 17.95
CA PRO A 136 -11.02 -7.06 18.53
C PRO A 136 -11.38 -8.41 19.21
N LEU A 137 -12.64 -8.72 19.50
CA LEU A 137 -12.89 -10.04 20.13
C LEU A 137 -12.88 -11.11 19.04
N LEU A 138 -13.07 -10.67 17.78
CA LEU A 138 -13.05 -11.55 16.60
C LEU A 138 -11.64 -12.07 16.36
N THR A 139 -10.69 -11.15 16.55
CA THR A 139 -9.26 -11.47 16.55
C THR A 139 -8.91 -12.46 17.66
N ARG A 140 -9.41 -12.23 18.85
CA ARG A 140 -9.12 -13.17 19.92
C ARG A 140 -9.65 -14.56 19.62
N LEU A 141 -10.85 -14.68 19.06
CA LEU A 141 -11.37 -16.00 18.67
C LEU A 141 -10.57 -16.58 17.48
N ALA A 142 -10.17 -15.71 16.52
CA ALA A 142 -9.31 -16.15 15.42
C ALA A 142 -7.95 -16.70 15.83
N GLN A 143 -7.37 -16.23 16.95
CA GLN A 143 -6.08 -16.61 17.41
C GLN A 143 -6.19 -17.60 18.56
N PHE A 144 -7.39 -18.12 18.80
CA PHE A 144 -7.57 -19.06 19.90
C PHE A 144 -6.74 -20.34 19.70
N GLU A 145 -6.11 -20.81 20.78
CA GLU A 145 -5.48 -22.15 20.88
C GLU A 145 -6.11 -22.83 22.08
N GLU A 146 -6.56 -24.07 21.89
CA GLU A 146 -7.18 -24.86 22.99
C GLU A 146 -6.26 -25.96 23.45
N THR B 3 -12.59 11.33 9.32
CA THR B 3 -12.51 10.01 8.69
C THR B 3 -11.27 9.28 9.18
N ASN B 4 -10.31 10.00 9.76
CA ASN B 4 -9.13 9.34 10.36
C ASN B 4 -9.51 8.19 11.31
N GLN B 5 -10.34 8.48 12.33
CA GLN B 5 -10.94 7.41 13.14
C GLN B 5 -11.73 6.44 12.26
N ASP B 6 -12.51 6.99 11.33
CA ASP B 6 -13.41 6.18 10.48
C ASP B 6 -12.68 5.12 9.70
N LEU B 7 -11.66 5.55 9.00
CA LEU B 7 -10.67 4.73 8.31
C LEU B 7 -9.92 3.71 9.20
N GLN B 8 -9.38 4.16 10.33
CA GLN B 8 -8.95 3.25 11.43
C GLN B 8 -9.96 2.13 11.75
N LEU B 9 -11.22 2.49 11.96
CA LEU B 9 -12.26 1.53 12.35
C LEU B 9 -12.53 0.52 11.25
N ALA B 10 -12.69 1.04 10.03
CA ALA B 10 -12.93 0.20 8.86
C ALA B 10 -11.76 -0.72 8.50
N ALA B 11 -10.53 -0.27 8.66
CA ALA B 11 -9.37 -1.14 8.38
C ALA B 11 -9.27 -2.25 9.41
N HIS B 12 -9.47 -1.89 10.69
CA HIS B 12 -9.52 -2.89 11.75
C HIS B 12 -10.62 -3.85 11.56
N LEU B 13 -11.85 -3.34 11.35
CA LEU B 13 -13.01 -4.19 11.18
C LEU B 13 -12.93 -5.19 10.06
N ARG B 14 -12.45 -4.75 8.90
CA ARG B 14 -12.25 -5.64 7.78
C ARG B 14 -11.30 -6.77 8.17
N SER B 15 -10.24 -6.41 8.85
CA SER B 15 -9.24 -7.37 9.10
C SER B 15 -9.75 -8.40 10.11
N GLN B 16 -10.40 -7.89 11.15
CA GLN B 16 -11.03 -8.69 12.17
C GLN B 16 -12.03 -9.66 11.61
N VAL B 17 -12.88 -9.25 10.66
CA VAL B 17 -13.88 -10.19 10.16
C VAL B 17 -13.27 -11.28 9.28
N THR B 18 -12.35 -10.88 8.42
CA THR B 18 -11.83 -11.79 7.40
C THR B 18 -10.82 -12.72 7.97
N THR B 19 -10.29 -12.40 9.15
CA THR B 19 -9.36 -13.26 9.85
C THR B 19 -10.11 -14.40 10.54
N LEU B 20 -11.24 -14.05 11.14
CA LEU B 20 -11.98 -15.04 11.89
C LEU B 20 -12.61 -15.95 10.84
N THR B 21 -13.03 -15.42 9.70
CA THR B 21 -13.54 -16.26 8.60
C THR B 21 -12.48 -17.23 7.99
N ARG B 22 -11.23 -16.79 7.81
CA ARG B 22 -10.07 -17.64 7.59
C ARG B 22 -9.91 -18.73 8.68
N ARG B 23 -9.81 -18.35 9.96
CA ARG B 23 -9.90 -19.34 11.06
C ARG B 23 -11.09 -20.26 10.95
N LEU B 24 -12.26 -19.77 10.55
CA LEU B 24 -13.40 -20.69 10.44
C LEU B 24 -13.19 -21.82 9.42
N ARG B 25 -12.64 -21.52 8.24
CA ARG B 25 -12.43 -22.53 7.21
C ARG B 25 -11.24 -23.47 7.44
N ARG B 26 -10.33 -23.11 8.35
CA ARG B 26 -9.31 -24.01 8.91
C ARG B 26 -9.87 -25.11 9.79
N GLU B 27 -10.85 -24.76 10.61
CA GLU B 27 -11.54 -25.70 11.51
C GLU B 27 -12.52 -26.65 10.80
N ALA B 28 -12.43 -26.68 9.47
CA ALA B 28 -12.89 -27.77 8.64
C ALA B 28 -11.98 -28.92 8.91
N GLN B 29 -10.72 -28.57 9.21
CA GLN B 29 -9.59 -29.51 9.29
C GLN B 29 -9.60 -30.44 8.09
N ALA B 30 -9.41 -29.80 6.93
CA ALA B 30 -9.29 -30.48 5.64
C ALA B 30 -7.97 -30.15 5.02
N ASP B 31 -7.39 -31.13 4.35
CA ASP B 31 -6.27 -30.89 3.50
C ASP B 31 -6.78 -30.13 2.23
N PRO B 32 -5.86 -29.51 1.46
CA PRO B 32 -6.14 -28.77 0.24
C PRO B 32 -7.19 -29.36 -0.70
N VAL B 33 -7.09 -30.66 -1.02
CA VAL B 33 -8.04 -31.26 -1.97
C VAL B 33 -9.47 -31.28 -1.46
N GLN B 34 -9.68 -31.68 -0.20
CA GLN B 34 -11.03 -31.64 0.41
C GLN B 34 -11.49 -30.21 0.60
N PHE B 35 -10.56 -29.29 0.88
CA PHE B 35 -10.89 -27.88 1.06
C PHE B 35 -11.46 -27.13 -0.15
N SER B 36 -10.67 -27.12 -1.22
CA SER B 36 -11.05 -26.54 -2.51
C SER B 36 -12.48 -26.97 -2.92
N GLN B 37 -12.85 -28.18 -2.52
CA GLN B 37 -14.14 -28.75 -2.81
C GLN B 37 -15.34 -28.16 -2.05
N LEU B 38 -15.23 -28.06 -0.72
CA LEU B 38 -16.26 -27.40 0.13
C LEU B 38 -16.71 -26.01 -0.37
N VAL B 39 -15.74 -25.28 -0.87
CA VAL B 39 -15.97 -23.95 -1.45
C VAL B 39 -16.98 -23.99 -2.64
N VAL B 40 -16.89 -25.03 -3.48
CA VAL B 40 -17.78 -25.19 -4.64
C VAL B 40 -19.14 -25.72 -4.14
N LEU B 41 -19.11 -26.73 -3.26
CA LEU B 41 -20.28 -27.19 -2.53
C LEU B 41 -21.15 -26.08 -1.90
N GLY B 42 -20.53 -25.27 -1.03
CA GLY B 42 -21.17 -24.11 -0.46
C GLY B 42 -21.68 -23.15 -1.50
N ALA B 43 -20.86 -22.89 -2.50
CA ALA B 43 -21.28 -22.01 -3.63
C ALA B 43 -22.55 -22.54 -4.28
N ILE B 44 -22.59 -23.84 -4.52
CA ILE B 44 -23.75 -24.44 -5.14
C ILE B 44 -24.97 -24.36 -4.20
N ASP B 45 -24.76 -24.69 -2.94
CA ASP B 45 -25.83 -24.59 -1.97
C ASP B 45 -26.39 -23.15 -1.84
N ARG B 46 -25.46 -22.19 -1.72
CA ARG B 46 -25.84 -20.78 -1.61
C ARG B 46 -26.67 -20.29 -2.80
N LEU B 47 -26.42 -20.83 -3.98
CA LEU B 47 -27.21 -20.46 -5.16
C LEU B 47 -28.44 -21.33 -5.46
N GLY B 48 -28.95 -22.08 -4.48
CA GLY B 48 -30.13 -22.90 -4.69
C GLY B 48 -29.94 -24.27 -5.33
N GLY B 49 -28.71 -24.61 -5.71
CA GLY B 49 -28.34 -25.97 -6.04
C GLY B 49 -28.75 -26.57 -7.38
N ASP B 50 -29.23 -25.77 -8.37
CA ASP B 50 -29.54 -26.30 -9.72
C ASP B 50 -28.85 -25.40 -10.74
N VAL B 51 -27.55 -25.30 -10.58
CA VAL B 51 -26.75 -24.31 -11.29
C VAL B 51 -25.99 -24.94 -12.47
N THR B 52 -25.69 -24.13 -13.47
CA THR B 52 -24.79 -24.53 -14.52
C THR B 52 -23.43 -24.08 -14.13
N PRO B 53 -22.40 -24.77 -14.61
CA PRO B 53 -21.00 -24.34 -14.33
C PRO B 53 -20.72 -22.83 -14.52
N SER B 54 -21.28 -22.22 -15.57
CA SER B 54 -21.07 -20.81 -15.91
C SER B 54 -21.60 -19.88 -14.83
N GLU B 55 -22.87 -20.02 -14.45
CA GLU B 55 -23.51 -19.11 -13.48
C GLU B 55 -22.77 -19.25 -12.17
N LEU B 56 -22.20 -20.44 -12.00
CA LEU B 56 -21.42 -20.78 -10.86
C LEU B 56 -20.09 -20.05 -10.92
N ALA B 57 -19.21 -20.48 -11.81
CA ALA B 57 -18.01 -19.69 -12.19
C ALA B 57 -18.21 -18.16 -12.10
N ALA B 58 -19.32 -17.67 -12.63
CA ALA B 58 -19.67 -16.23 -12.54
C ALA B 58 -20.02 -15.80 -11.10
N ALA B 59 -21.08 -16.38 -10.53
CA ALA B 59 -21.47 -16.06 -9.16
C ALA B 59 -20.27 -15.67 -8.35
N GLU B 60 -19.28 -16.57 -8.32
CA GLU B 60 -18.26 -16.64 -7.29
C GLU B 60 -16.90 -16.01 -7.61
N ARG B 61 -16.79 -15.29 -8.74
CA ARG B 61 -15.53 -14.57 -9.14
C ARG B 61 -14.43 -15.58 -9.46
N MSE B 62 -14.83 -16.60 -10.19
CA MSE B 62 -14.14 -17.88 -10.27
C MSE B 62 -13.84 -18.29 -11.68
O MSE B 62 -14.66 -18.11 -12.56
CB MSE B 62 -15.04 -18.95 -9.69
CG MSE B 62 -14.62 -19.42 -8.33
SE MSE B 62 -14.95 -21.34 -8.21
CE MSE B 62 -13.71 -21.93 -9.77
N ARG B 63 -12.70 -18.94 -11.87
CA ARG B 63 -12.19 -19.27 -13.19
C ARG B 63 -12.62 -20.68 -13.61
N SER B 64 -12.84 -20.86 -14.90
CA SER B 64 -13.50 -22.05 -15.43
C SER B 64 -12.60 -23.30 -15.51
N SER B 65 -11.33 -23.14 -15.80
CA SER B 65 -10.36 -24.24 -15.69
C SER B 65 -10.49 -24.89 -14.30
N ASN B 66 -10.17 -24.07 -13.29
CA ASN B 66 -10.37 -24.36 -11.88
C ASN B 66 -11.72 -25.10 -11.71
N LEU B 67 -12.81 -24.41 -12.00
CA LEU B 67 -14.15 -24.95 -11.75
C LEU B 67 -14.45 -26.27 -12.46
N ALA B 68 -14.13 -26.37 -13.73
CA ALA B 68 -14.43 -27.61 -14.45
C ALA B 68 -13.83 -28.78 -13.69
N ALA B 69 -12.59 -28.59 -13.24
CA ALA B 69 -11.80 -29.66 -12.60
C ALA B 69 -12.35 -30.07 -11.22
N LEU B 70 -12.77 -29.08 -10.45
CA LEU B 70 -13.41 -29.34 -9.16
C LEU B 70 -14.70 -30.16 -9.31
N LEU B 71 -15.54 -29.85 -10.30
CA LEU B 71 -16.81 -30.58 -10.48
C LEU B 71 -16.56 -32.08 -10.69
N ARG B 72 -15.58 -32.42 -11.51
CA ARG B 72 -15.32 -33.81 -11.87
C ARG B 72 -14.89 -34.63 -10.64
N GLU B 73 -14.09 -33.99 -9.79
CA GLU B 73 -13.72 -34.56 -8.48
C GLU B 73 -14.93 -34.78 -7.60
N LEU B 74 -15.78 -33.78 -7.58
CA LEU B 74 -17.00 -33.79 -6.79
C LEU B 74 -17.97 -34.87 -7.20
N GLU B 75 -18.13 -35.04 -8.52
CA GLU B 75 -19.02 -36.08 -9.07
C GLU B 75 -18.47 -37.50 -8.73
N ARG B 76 -17.23 -37.77 -9.15
CA ARG B 76 -16.48 -38.98 -8.78
C ARG B 76 -16.51 -39.29 -7.24
N GLY B 77 -16.35 -38.28 -6.40
CA GLY B 77 -16.54 -38.42 -4.93
C GLY B 77 -17.99 -38.59 -4.42
N GLY B 78 -18.98 -38.26 -5.27
CA GLY B 78 -20.38 -38.55 -4.98
C GLY B 78 -21.14 -37.44 -4.26
N LEU B 79 -20.58 -36.24 -4.36
CA LEU B 79 -21.07 -35.06 -3.68
C LEU B 79 -21.93 -34.13 -4.57
N ILE B 80 -21.92 -34.35 -5.87
CA ILE B 80 -22.73 -33.58 -6.78
C ILE B 80 -23.33 -34.51 -7.81
N VAL B 81 -24.46 -34.12 -8.36
CA VAL B 81 -25.04 -34.85 -9.47
C VAL B 81 -25.16 -33.91 -10.64
N ARG B 82 -25.04 -34.51 -11.83
CA ARG B 82 -25.06 -33.80 -13.13
C ARG B 82 -26.33 -34.14 -13.85
N HIS B 83 -27.06 -33.10 -14.28
CA HIS B 83 -28.36 -33.30 -14.98
C HIS B 83 -28.57 -32.16 -16.00
N THR B 92 -26.42 -30.40 -18.72
CA THR B 92 -25.39 -29.40 -18.40
C THR B 92 -25.61 -28.61 -17.04
N ARG B 93 -26.50 -29.07 -16.17
CA ARG B 93 -26.67 -28.46 -14.80
C ARG B 93 -26.22 -29.38 -13.67
N VAL B 94 -25.95 -28.75 -12.54
CA VAL B 94 -25.24 -29.38 -11.44
C VAL B 94 -25.98 -29.18 -10.11
N SER B 95 -26.06 -30.23 -9.29
CA SER B 95 -26.68 -30.19 -7.95
C SER B 95 -25.90 -30.98 -6.88
N LEU B 96 -26.18 -30.72 -5.62
CA LEU B 96 -25.59 -31.55 -4.57
C LEU B 96 -26.41 -32.82 -4.30
N SER B 97 -25.71 -33.94 -4.25
CA SER B 97 -26.26 -35.16 -3.73
C SER B 97 -26.51 -34.98 -2.22
N SER B 98 -27.19 -35.93 -1.62
CA SER B 98 -27.42 -35.90 -0.17
C SER B 98 -26.10 -35.96 0.60
N GLU B 99 -25.10 -36.71 0.08
CA GLU B 99 -23.79 -36.83 0.75
C GLU B 99 -23.08 -35.50 0.74
N GLY B 100 -23.25 -34.77 -0.34
CA GLY B 100 -22.74 -33.41 -0.50
C GLY B 100 -23.46 -32.44 0.40
N ARG B 101 -24.77 -32.52 0.46
CA ARG B 101 -25.51 -31.72 1.45
CA ARG B 101 -25.52 -31.72 1.42
C ARG B 101 -25.03 -32.09 2.84
N ARG B 102 -24.94 -33.37 3.15
CA ARG B 102 -24.28 -33.86 4.38
C ARG B 102 -22.86 -33.34 4.66
N ASN B 103 -21.92 -33.41 3.72
CA ASN B 103 -20.58 -32.81 3.95
C ASN B 103 -20.62 -31.34 4.28
N LEU B 104 -21.32 -30.59 3.46
CA LEU B 104 -21.44 -29.15 3.62
C LEU B 104 -22.00 -28.80 4.97
N TYR B 105 -23.20 -29.29 5.29
CA TYR B 105 -23.83 -29.00 6.59
C TYR B 105 -23.07 -29.57 7.78
N GLY B 106 -22.44 -30.70 7.59
CA GLY B 106 -21.57 -31.25 8.61
C GLY B 106 -20.46 -30.30 8.91
N ASN B 107 -19.91 -29.67 7.87
CA ASN B 107 -18.80 -28.74 8.01
C ASN B 107 -19.11 -27.45 8.71
N ARG B 108 -20.28 -26.90 8.37
CA ARG B 108 -20.93 -25.78 9.05
C ARG B 108 -21.14 -26.11 10.53
N ALA B 109 -21.77 -27.23 10.85
CA ALA B 109 -21.98 -27.66 12.26
C ALA B 109 -20.71 -27.63 13.09
N LYS B 110 -19.64 -28.08 12.48
CA LYS B 110 -18.36 -28.32 13.15
C LYS B 110 -17.63 -27.00 13.36
N ARG B 111 -17.82 -26.08 12.44
CA ARG B 111 -17.32 -24.73 12.64
C ARG B 111 -18.08 -24.07 13.81
N GLU B 112 -19.38 -24.30 13.87
CA GLU B 112 -20.19 -23.77 14.96
C GLU B 112 -19.77 -24.33 16.30
N GLU B 113 -19.63 -25.65 16.35
CA GLU B 113 -19.11 -26.35 17.51
C GLU B 113 -17.77 -25.77 17.91
N TRP B 114 -16.86 -25.60 16.97
CA TRP B 114 -15.60 -24.93 17.28
C TRP B 114 -15.74 -23.52 17.81
N LEU B 115 -16.53 -22.70 17.14
CA LEU B 115 -16.78 -21.32 17.68
C LEU B 115 -17.28 -21.30 19.10
N VAL B 116 -18.16 -22.25 19.45
CA VAL B 116 -18.75 -22.33 20.83
C VAL B 116 -17.66 -22.54 21.86
N ARG B 117 -16.83 -23.55 21.64
CA ARG B 117 -15.71 -23.82 22.51
C ARG B 117 -14.81 -22.61 22.59
N ALA B 118 -14.49 -22.01 21.44
CA ALA B 118 -13.70 -20.77 21.39
C ALA B 118 -14.30 -19.62 22.24
N MSE B 119 -15.58 -19.35 22.05
CA MSE B 119 -16.25 -18.29 22.81
C MSE B 119 -16.38 -18.56 24.31
O MSE B 119 -16.37 -17.64 25.10
CB MSE B 119 -17.61 -18.05 22.26
CG MSE B 119 -17.59 -17.45 20.92
SE MSE B 119 -19.37 -17.30 20.14
CE MSE B 119 -19.78 -15.49 20.59
N HIS B 120 -16.48 -19.82 24.69
CA HIS B 120 -16.45 -20.19 26.14
C HIS B 120 -15.08 -20.24 26.74
N ALA B 121 -14.09 -20.67 25.99
CA ALA B 121 -12.71 -20.64 26.47
C ALA B 121 -12.07 -19.26 26.58
N CYS B 122 -12.12 -18.44 25.55
CA CYS B 122 -11.34 -17.20 25.63
C CYS B 122 -12.12 -15.90 25.79
N LEU B 123 -13.44 -15.99 25.93
CA LEU B 123 -14.28 -14.80 26.20
C LEU B 123 -15.05 -14.96 27.47
N ASP B 124 -15.29 -13.87 28.16
CA ASP B 124 -16.18 -13.93 29.29
C ASP B 124 -17.61 -13.63 28.81
N GLU B 125 -18.54 -13.70 29.76
CA GLU B 125 -19.94 -13.64 29.47
C GLU B 125 -20.38 -12.32 28.85
N SER B 126 -19.80 -11.22 29.30
CA SER B 126 -20.14 -9.96 28.79
C SER B 126 -19.51 -9.72 27.41
N GLU B 127 -18.38 -10.37 27.14
CA GLU B 127 -17.83 -10.33 25.79
C GLU B 127 -18.72 -11.00 24.74
N ARG B 128 -19.27 -12.15 25.12
CA ARG B 128 -20.19 -12.88 24.29
C ARG B 128 -21.48 -12.12 24.11
N ALA B 129 -21.96 -11.46 25.14
CA ALA B 129 -23.14 -10.63 24.96
C ALA B 129 -22.85 -9.42 24.00
N LEU B 130 -21.62 -8.91 23.98
CA LEU B 130 -21.30 -7.73 23.13
C LEU B 130 -21.35 -8.21 21.71
N LEU B 131 -20.89 -9.42 21.51
CA LEU B 131 -20.89 -10.04 20.21
C LEU B 131 -22.30 -10.32 19.76
N ALA B 132 -23.16 -10.82 20.66
CA ALA B 132 -24.56 -10.99 20.31
C ALA B 132 -25.20 -9.64 19.91
N ALA B 133 -24.89 -8.62 20.67
CA ALA B 133 -25.30 -7.24 20.33
C ALA B 133 -24.66 -6.64 19.04
N ALA B 134 -23.34 -6.77 18.84
CA ALA B 134 -22.69 -6.21 17.66
C ALA B 134 -22.92 -7.01 16.37
N GLY B 135 -23.20 -8.31 16.51
CA GLY B 135 -23.22 -9.24 15.40
C GLY B 135 -24.10 -8.76 14.27
N PRO B 136 -25.38 -8.56 14.56
CA PRO B 136 -26.34 -8.11 13.60
C PRO B 136 -25.91 -6.89 12.75
N LEU B 137 -25.04 -6.07 13.32
CA LEU B 137 -24.59 -4.86 12.65
C LEU B 137 -23.76 -5.25 11.46
N LEU B 138 -23.10 -6.40 11.62
CA LEU B 138 -22.29 -6.99 10.58
C LEU B 138 -23.16 -7.41 9.38
N THR B 139 -24.33 -7.95 9.68
CA THR B 139 -25.33 -8.33 8.67
C THR B 139 -25.87 -7.12 7.87
N ARG B 140 -26.16 -6.03 8.57
CA ARG B 140 -26.53 -4.79 7.93
C ARG B 140 -25.45 -4.23 7.01
N LEU B 141 -24.19 -4.26 7.41
CA LEU B 141 -23.15 -3.70 6.56
C LEU B 141 -23.00 -4.56 5.30
N ALA B 142 -23.23 -5.88 5.46
CA ALA B 142 -23.19 -6.85 4.37
C ALA B 142 -24.31 -6.70 3.36
N GLN B 143 -25.50 -6.34 3.84
CA GLN B 143 -26.65 -6.02 2.97
C GLN B 143 -26.72 -4.57 2.53
N PHE B 144 -25.63 -3.81 2.60
CA PHE B 144 -25.70 -2.41 2.21
C PHE B 144 -25.79 -2.27 0.66
N GLU B 145 -26.89 -2.76 0.05
CA GLU B 145 -27.26 -2.44 -1.38
C GLU B 145 -28.28 -1.33 -1.36
N THR C 3 -6.01 6.76 -18.58
CA THR C 3 -6.56 6.25 -17.30
C THR C 3 -7.07 4.81 -17.39
N ASN C 4 -6.31 3.91 -18.01
CA ASN C 4 -6.60 2.48 -17.93
C ASN C 4 -5.61 1.78 -16.95
N GLN C 5 -4.54 1.16 -17.49
CA GLN C 5 -3.35 0.84 -16.71
C GLN C 5 -2.19 1.46 -17.44
N ASP C 6 -2.41 2.68 -17.92
CA ASP C 6 -1.37 3.67 -18.16
C ASP C 6 -1.26 4.47 -16.84
N LEU C 7 -2.08 4.05 -15.87
CA LEU C 7 -1.83 4.36 -14.46
C LEU C 7 -0.49 3.73 -14.05
N GLN C 8 -0.15 2.66 -14.73
CA GLN C 8 1.09 1.95 -14.48
C GLN C 8 2.28 2.74 -14.95
N LEU C 9 2.14 3.45 -16.07
CA LEU C 9 3.22 4.26 -16.61
C LEU C 9 3.48 5.48 -15.76
N ALA C 10 2.43 6.06 -15.23
CA ALA C 10 2.55 7.18 -14.29
C ALA C 10 3.26 6.75 -12.99
N ALA C 11 2.95 5.55 -12.49
CA ALA C 11 3.58 5.01 -11.28
C ALA C 11 5.06 4.69 -11.49
N HIS C 12 5.40 4.07 -12.63
CA HIS C 12 6.79 3.96 -13.12
C HIS C 12 7.48 5.30 -13.16
N LEU C 13 6.85 6.30 -13.78
CA LEU C 13 7.60 7.56 -13.99
C LEU C 13 7.84 8.27 -12.71
N ARG C 14 6.86 8.22 -11.80
CA ARG C 14 7.02 8.84 -10.47
C ARG C 14 8.19 8.23 -9.69
N SER C 15 8.19 6.92 -9.65
CA SER C 15 9.24 6.18 -9.03
C SER C 15 10.59 6.49 -9.66
N GLN C 16 10.70 6.49 -10.99
CA GLN C 16 11.99 6.66 -11.64
C GLN C 16 12.54 8.02 -11.28
N VAL C 17 11.65 9.03 -11.43
CA VAL C 17 12.00 10.45 -11.25
C VAL C 17 12.28 10.81 -9.81
N THR C 18 11.45 10.37 -8.86
CA THR C 18 11.69 10.66 -7.42
C THR C 18 12.85 9.89 -6.83
N THR C 19 13.08 8.69 -7.29
CA THR C 19 14.21 7.86 -6.85
C THR C 19 15.56 8.43 -7.24
N LEU C 20 15.66 8.95 -8.47
CA LEU C 20 16.88 9.62 -8.93
C LEU C 20 17.18 10.93 -8.17
N THR C 21 16.12 11.69 -7.96
CA THR C 21 16.18 12.88 -7.12
C THR C 21 16.59 12.50 -5.67
N ARG C 22 16.09 11.43 -5.12
CA ARG C 22 16.55 11.03 -3.78
C ARG C 22 18.04 10.77 -3.73
N ARG C 23 18.55 10.09 -4.75
CA ARG C 23 19.96 9.82 -4.91
C ARG C 23 20.83 11.06 -5.13
N LEU C 24 20.33 12.01 -5.90
CA LEU C 24 21.01 13.28 -6.05
C LEU C 24 21.17 13.94 -4.70
N ARG C 25 20.10 13.96 -3.91
CA ARG C 25 20.14 14.56 -2.59
C ARG C 25 21.15 13.83 -1.69
N ARG C 26 21.15 12.52 -1.73
CA ARG C 26 22.09 11.75 -0.95
C ARG C 26 23.53 12.17 -1.28
N GLU C 27 23.85 12.31 -2.55
CA GLU C 27 25.22 12.64 -2.94
C GLU C 27 25.59 14.10 -2.60
N ALA C 28 24.62 14.99 -2.42
CA ALA C 28 24.92 16.39 -2.48
C ALA C 28 25.06 17.24 -1.21
N GLN C 29 25.42 16.68 -0.06
CA GLN C 29 24.97 15.39 0.47
C GLN C 29 24.12 15.87 1.67
N ALA C 30 22.83 15.59 1.58
CA ALA C 30 21.83 16.29 2.39
C ALA C 30 20.82 15.30 2.99
N ASP C 31 20.88 15.17 4.33
CA ASP C 31 19.88 14.43 5.10
C ASP C 31 18.56 15.22 5.08
N PRO C 32 17.41 14.53 5.25
CA PRO C 32 16.08 15.18 4.98
C PRO C 32 15.78 16.51 5.72
N VAL C 33 16.44 16.76 6.85
CA VAL C 33 16.20 17.99 7.60
C VAL C 33 16.90 19.25 6.99
N GLN C 34 18.11 19.10 6.43
CA GLN C 34 18.80 20.20 5.73
C GLN C 34 18.09 20.54 4.42
N PHE C 35 17.58 19.52 3.75
CA PHE C 35 16.90 19.66 2.45
C PHE C 35 15.78 20.72 2.51
N SER C 36 14.93 20.63 3.51
CA SER C 36 13.90 21.64 3.68
C SER C 36 14.47 23.06 3.64
N GLN C 37 15.62 23.25 4.30
CA GLN C 37 16.30 24.55 4.42
C GLN C 37 16.80 24.97 3.07
N LEU C 38 17.27 23.96 2.32
CA LEU C 38 17.74 24.15 0.97
C LEU C 38 16.62 24.55 0.00
N VAL C 39 15.44 24.00 0.25
CA VAL C 39 14.22 24.37 -0.49
C VAL C 39 13.88 25.84 -0.31
N VAL C 40 14.04 26.31 0.91
CA VAL C 40 13.82 27.69 1.26
C VAL C 40 14.91 28.60 0.67
N LEU C 41 16.17 28.17 0.73
CA LEU C 41 17.26 28.89 0.06
C LEU C 41 17.01 29.05 -1.47
N GLY C 42 16.67 27.92 -2.10
CA GLY C 42 16.19 27.91 -3.47
C GLY C 42 15.07 28.89 -3.79
N ALA C 43 14.05 28.99 -2.93
CA ALA C 43 12.88 29.81 -3.21
C ALA C 43 13.35 31.22 -3.19
N ILE C 44 14.18 31.58 -2.23
CA ILE C 44 14.63 32.94 -2.07
C ILE C 44 15.35 33.42 -3.31
N ASP C 45 16.15 32.53 -3.87
CA ASP C 45 16.92 32.80 -5.02
C ASP C 45 15.98 32.72 -6.24
N ARG C 46 14.94 31.92 -6.16
CA ARG C 46 13.98 31.83 -7.27
C ARG C 46 13.06 33.08 -7.33
N LEU C 47 12.74 33.68 -6.19
CA LEU C 47 11.89 34.86 -6.16
C LEU C 47 12.69 36.14 -6.26
N GLY C 48 13.98 36.01 -6.54
CA GLY C 48 14.81 37.17 -6.85
C GLY C 48 15.76 37.60 -5.74
N GLY C 49 15.79 36.83 -4.66
CA GLY C 49 16.80 36.99 -3.61
C GLY C 49 16.58 38.01 -2.52
N ASP C 50 15.37 38.58 -2.43
CA ASP C 50 14.99 39.50 -1.35
C ASP C 50 13.45 39.57 -1.19
N VAL C 51 12.90 38.83 -0.21
CA VAL C 51 11.45 38.49 -0.16
C VAL C 51 10.88 38.54 1.24
N THR C 52 9.55 38.52 1.34
CA THR C 52 8.93 38.42 2.66
C THR C 52 8.72 36.96 2.94
N PRO C 53 8.79 36.58 4.22
CA PRO C 53 8.34 35.28 4.63
C PRO C 53 6.97 34.89 4.09
N SER C 54 6.07 35.86 3.88
CA SER C 54 4.71 35.59 3.35
C SER C 54 4.74 35.23 1.86
N GLU C 55 5.43 36.04 1.08
CA GLU C 55 5.76 35.64 -0.30
C GLU C 55 6.38 34.23 -0.36
N LEU C 56 7.33 33.93 0.52
CA LEU C 56 7.79 32.52 0.72
C LEU C 56 6.68 31.51 0.99
N ALA C 57 6.01 31.66 2.13
CA ALA C 57 4.87 30.80 2.49
C ALA C 57 3.94 30.56 1.29
N ALA C 58 3.57 31.64 0.60
CA ALA C 58 2.76 31.57 -0.64
C ALA C 58 3.37 30.66 -1.71
N ALA C 59 4.65 30.85 -1.99
CA ALA C 59 5.28 30.10 -3.05
C ALA C 59 5.65 28.67 -2.62
N GLU C 60 5.85 28.43 -1.32
CA GLU C 60 6.23 27.09 -0.84
C GLU C 60 5.08 26.33 -0.19
N ARG C 61 3.96 27.03 -0.02
CA ARG C 61 2.81 26.50 0.68
C ARG C 61 3.20 25.87 2.01
N MSE C 62 3.58 26.71 2.96
CA MSE C 62 3.83 26.28 4.34
C MSE C 62 3.31 27.34 5.30
O MSE C 62 3.33 28.53 4.99
CB MSE C 62 5.33 26.04 4.58
CG MSE C 62 6.26 26.63 3.53
SE MSE C 62 8.19 26.17 3.81
CE MSE C 62 8.08 26.05 5.80
N ARG C 63 2.84 26.89 6.46
CA ARG C 63 2.19 27.80 7.43
C ARG C 63 3.21 28.82 7.96
N SER C 64 2.74 30.03 8.24
CA SER C 64 3.52 31.08 8.88
C SER C 64 4.56 30.46 9.82
N SER C 65 4.11 29.45 10.58
CA SER C 65 4.88 28.84 11.65
C SER C 65 5.94 27.87 11.13
N ASN C 66 5.56 26.97 10.23
CA ASN C 66 6.51 26.06 9.60
C ASN C 66 7.75 26.79 9.04
N LEU C 67 7.53 27.98 8.48
CA LEU C 67 8.60 28.74 7.86
C LEU C 67 9.40 29.54 8.90
N ALA C 68 8.71 30.00 9.94
CA ALA C 68 9.39 30.69 11.05
C ALA C 68 10.51 29.84 11.68
N ALA C 69 10.27 28.53 11.80
CA ALA C 69 11.25 27.57 12.33
C ALA C 69 12.55 27.57 11.54
N LEU C 70 12.41 27.48 10.22
CA LEU C 70 13.55 27.41 9.29
C LEU C 70 14.22 28.76 9.08
N LEU C 71 13.45 29.85 9.10
CA LEU C 71 14.02 31.18 8.95
C LEU C 71 14.93 31.42 10.14
N ARG C 72 14.40 31.10 11.33
CA ARG C 72 15.15 31.02 12.56
C ARG C 72 16.44 30.22 12.39
N GLU C 73 16.28 28.99 11.95
CA GLU C 73 17.39 28.04 11.80
C GLU C 73 18.48 28.50 10.82
N LEU C 74 18.04 28.98 9.66
CA LEU C 74 18.94 29.48 8.61
C LEU C 74 19.68 30.74 8.97
N GLU C 75 19.06 31.58 9.82
CA GLU C 75 19.74 32.76 10.40
C GLU C 75 20.80 32.37 11.42
N ARG C 76 20.60 31.26 12.10
CA ARG C 76 21.56 30.78 13.09
C ARG C 76 22.82 30.31 12.37
N GLY C 77 22.65 29.53 11.30
CA GLY C 77 23.78 29.11 10.47
C GLY C 77 24.39 30.23 9.65
N GLY C 78 23.74 31.40 9.66
CA GLY C 78 24.16 32.57 8.87
C GLY C 78 23.96 32.42 7.36
N LEU C 79 22.94 31.68 6.92
CA LEU C 79 22.74 31.48 5.46
C LEU C 79 21.74 32.45 4.85
N ILE C 80 20.95 33.11 5.71
CA ILE C 80 20.08 34.20 5.31
C ILE C 80 20.24 35.36 6.25
N VAL C 81 19.82 36.52 5.75
CA VAL C 81 19.97 37.80 6.42
C VAL C 81 18.60 38.49 6.37
N ARG C 82 18.22 39.24 7.41
CA ARG C 82 16.95 40.03 7.37
C ARG C 82 17.12 41.55 7.59
N HIS C 83 16.04 42.28 7.28
CA HIS C 83 15.99 43.77 7.32
C HIS C 83 14.50 44.22 7.24
N ALA C 84 14.22 45.52 7.13
CA ALA C 84 12.84 46.01 7.01
C ALA C 84 12.41 46.27 5.56
N ASP C 85 11.10 46.44 5.34
CA ASP C 85 10.54 46.87 4.04
C ASP C 85 9.74 48.17 4.20
N ARG C 91 6.59 43.46 7.80
CA ARG C 91 7.48 44.62 7.86
C ARG C 91 8.96 44.21 7.79
N THR C 92 9.22 42.98 7.31
CA THR C 92 10.57 42.37 7.33
C THR C 92 10.91 41.47 6.13
N ARG C 93 12.09 41.70 5.54
CA ARG C 93 12.57 40.94 4.37
C ARG C 93 13.69 39.95 4.70
N VAL C 94 14.00 39.09 3.74
CA VAL C 94 15.01 38.04 3.90
C VAL C 94 15.81 37.85 2.62
N SER C 95 17.14 37.73 2.73
CA SER C 95 17.99 37.33 1.57
C SER C 95 19.09 36.31 1.93
N LEU C 96 19.72 35.73 0.89
CA LEU C 96 20.88 34.85 1.13
C LEU C 96 22.14 35.62 1.52
N SER C 97 23.00 34.99 2.32
CA SER C 97 24.36 35.46 2.56
C SER C 97 25.22 34.91 1.42
N SER C 98 26.50 35.26 1.39
CA SER C 98 27.43 34.58 0.46
C SER C 98 27.62 33.07 0.81
N GLU C 99 27.59 32.73 2.10
CA GLU C 99 27.69 31.31 2.54
C GLU C 99 26.44 30.50 2.11
N GLY C 100 25.25 31.07 2.27
CA GLY C 100 24.01 30.54 1.68
C GLY C 100 24.02 30.48 0.16
N ARG C 101 24.50 31.53 -0.52
CA ARG C 101 24.59 31.48 -1.97
C ARG C 101 25.52 30.30 -2.29
N ARG C 102 26.59 30.18 -1.48
CA ARG C 102 27.61 29.12 -1.66
C ARG C 102 27.07 27.75 -1.39
N ASN C 103 26.37 27.56 -0.26
CA ASN C 103 25.67 26.30 0.03
C ASN C 103 24.77 25.90 -1.11
N LEU C 104 24.03 26.88 -1.59
CA LEU C 104 22.99 26.55 -2.52
C LEU C 104 23.57 26.04 -3.85
N TYR C 105 24.49 26.79 -4.43
CA TYR C 105 25.11 26.46 -5.74
C TYR C 105 26.09 25.30 -5.59
N GLY C 106 26.73 25.23 -4.42
CA GLY C 106 27.53 24.08 -4.06
C GLY C 106 26.75 22.80 -3.95
N ASN C 107 25.58 22.84 -3.33
CA ASN C 107 24.71 21.69 -3.33
C ASN C 107 24.34 21.32 -4.76
N ARG C 108 23.93 22.27 -5.58
CA ARG C 108 23.72 22.01 -7.03
C ARG C 108 24.90 21.48 -7.89
N ALA C 109 26.11 21.91 -7.57
CA ALA C 109 27.27 21.54 -8.35
C ALA C 109 27.61 20.14 -8.04
N LYS C 110 27.51 19.76 -6.75
CA LYS C 110 27.73 18.38 -6.32
C LYS C 110 26.83 17.43 -7.07
N ARG C 111 25.57 17.75 -7.18
CA ARG C 111 24.64 16.85 -7.89
C ARG C 111 24.97 16.67 -9.36
N GLU C 112 25.34 17.77 -10.00
CA GLU C 112 25.71 17.82 -11.40
C GLU C 112 26.98 17.03 -11.62
N GLU C 113 27.99 17.30 -10.80
CA GLU C 113 29.25 16.52 -10.88
C GLU C 113 29.07 15.03 -10.65
N TRP C 114 28.28 14.58 -9.66
CA TRP C 114 27.96 13.14 -9.60
C TRP C 114 27.11 12.69 -10.82
N LEU C 115 26.22 13.50 -11.34
CA LEU C 115 25.42 13.07 -12.51
C LEU C 115 26.21 12.89 -13.83
N VAL C 116 27.11 13.82 -14.13
CA VAL C 116 28.14 13.68 -15.20
C VAL C 116 28.92 12.35 -15.13
N ARG C 117 29.50 12.08 -13.96
CA ARG C 117 30.18 10.82 -13.69
C ARG C 117 29.33 9.59 -13.95
N ALA C 118 28.13 9.57 -13.35
CA ALA C 118 27.18 8.48 -13.53
C ALA C 118 26.75 8.26 -14.97
N MSE C 119 26.41 9.35 -15.68
CA MSE C 119 26.03 9.24 -17.09
C MSE C 119 27.20 8.80 -18.01
O MSE C 119 27.00 8.29 -19.10
CB MSE C 119 25.47 10.56 -17.57
CG MSE C 119 24.17 10.95 -16.88
SE MSE C 119 23.55 12.76 -17.43
CE MSE C 119 22.41 12.31 -19.03
N HIS C 120 28.41 8.99 -17.54
CA HIS C 120 29.52 8.56 -18.33
C HIS C 120 29.76 7.11 -18.16
N ALA C 121 29.63 6.63 -16.93
CA ALA C 121 29.92 5.25 -16.60
C ALA C 121 28.82 4.33 -16.96
N CYS C 122 27.59 4.65 -16.62
CA CYS C 122 26.58 3.62 -16.78
C CYS C 122 25.75 3.76 -18.01
N LEU C 123 25.95 4.79 -18.79
CA LEU C 123 25.05 4.98 -19.95
C LEU C 123 25.88 5.04 -21.19
N ASP C 124 25.39 4.55 -22.30
CA ASP C 124 26.07 4.85 -23.56
C ASP C 124 25.52 6.13 -24.20
N GLU C 125 26.03 6.45 -25.38
CA GLU C 125 25.87 7.69 -26.09
C GLU C 125 24.47 8.00 -26.56
N SER C 126 23.82 6.94 -26.97
CA SER C 126 22.48 7.03 -27.46
C SER C 126 21.51 7.02 -26.27
N GLU C 127 21.94 6.46 -25.15
CA GLU C 127 21.13 6.53 -23.89
C GLU C 127 21.20 7.93 -23.30
N ARG C 128 22.38 8.53 -23.23
CA ARG C 128 22.42 9.96 -22.97
C ARG C 128 21.60 10.88 -23.95
N ALA C 129 21.50 10.55 -25.24
CA ALA C 129 20.71 11.38 -26.20
C ALA C 129 19.22 11.22 -25.95
N LEU C 130 18.83 10.05 -25.51
CA LEU C 130 17.45 9.77 -25.21
C LEU C 130 16.98 10.58 -24.01
N LEU C 131 17.82 10.63 -22.98
CA LEU C 131 17.58 11.47 -21.82
C LEU C 131 17.56 12.94 -22.21
N ALA C 132 18.47 13.37 -23.08
CA ALA C 132 18.44 14.74 -23.59
C ALA C 132 17.12 15.03 -24.31
N ALA C 133 16.64 14.09 -25.13
CA ALA C 133 15.34 14.17 -25.78
C ALA C 133 14.12 14.07 -24.86
N ALA C 134 14.09 13.09 -24.01
CA ALA C 134 13.02 12.98 -23.01
C ALA C 134 12.94 14.14 -21.97
N GLY C 135 14.09 14.71 -21.67
CA GLY C 135 14.21 15.72 -20.61
C GLY C 135 13.15 16.80 -20.65
N PRO C 136 13.11 17.54 -21.76
CA PRO C 136 12.19 18.61 -21.95
C PRO C 136 10.73 18.27 -21.78
N LEU C 137 10.34 17.00 -21.82
CA LEU C 137 8.97 16.50 -21.55
C LEU C 137 8.70 16.38 -20.05
N LEU C 138 9.76 16.14 -19.31
CA LEU C 138 9.67 16.31 -17.87
C LEU C 138 9.45 17.76 -17.48
N THR C 139 10.06 18.70 -18.19
CA THR C 139 9.78 20.14 -18.03
C THR C 139 8.33 20.52 -18.31
N ARG C 140 7.77 20.00 -19.38
CA ARG C 140 6.39 20.27 -19.76
C ARG C 140 5.39 19.72 -18.75
N LEU C 141 5.63 18.53 -18.20
CA LEU C 141 4.66 17.91 -17.27
C LEU C 141 4.68 18.71 -15.97
N ALA C 142 5.87 19.09 -15.54
CA ALA C 142 6.06 20.02 -14.43
C ALA C 142 5.40 21.40 -14.65
N GLN C 143 5.12 21.80 -15.91
CA GLN C 143 4.44 23.11 -16.22
C GLN C 143 2.95 23.02 -16.52
N PHE C 144 2.37 21.83 -16.47
CA PHE C 144 1.01 21.62 -16.87
C PHE C 144 0.01 22.31 -15.91
N GLU C 145 -0.91 23.10 -16.49
CA GLU C 145 -1.92 23.83 -15.71
C GLU C 145 -3.19 23.83 -16.52
N PRO D 2 35.41 15.83 -19.12
CA PRO D 2 34.01 16.22 -19.41
C PRO D 2 33.90 17.30 -20.49
N THR D 3 33.14 16.97 -21.53
CA THR D 3 32.81 17.90 -22.59
C THR D 3 31.75 18.85 -22.06
N ASN D 4 31.75 20.03 -22.68
CA ASN D 4 30.84 21.08 -22.38
C ASN D 4 29.48 20.52 -22.44
N GLN D 5 29.22 19.77 -23.51
CA GLN D 5 27.91 19.18 -23.70
C GLN D 5 27.51 18.25 -22.56
N ASP D 6 28.46 17.48 -22.05
CA ASP D 6 28.27 16.55 -20.92
C ASP D 6 27.75 17.34 -19.72
N LEU D 7 28.46 18.42 -19.40
CA LEU D 7 28.08 19.43 -18.42
C LEU D 7 26.66 19.96 -18.59
N GLN D 8 26.34 20.39 -19.79
CA GLN D 8 25.02 20.92 -20.12
C GLN D 8 23.99 19.85 -19.93
N LEU D 9 24.29 18.61 -20.30
CA LEU D 9 23.33 17.52 -20.11
C LEU D 9 23.08 17.17 -18.68
N ALA D 10 24.13 17.08 -17.86
CA ALA D 10 23.93 16.84 -16.38
C ALA D 10 23.14 17.98 -15.74
N ALA D 11 23.51 19.22 -16.07
CA ALA D 11 22.82 20.41 -15.61
C ALA D 11 21.33 20.37 -15.93
N HIS D 12 21.01 20.17 -17.20
CA HIS D 12 19.61 20.09 -17.63
C HIS D 12 18.79 18.99 -17.00
N LEU D 13 19.33 17.77 -16.97
CA LEU D 13 18.62 16.64 -16.39
C LEU D 13 18.38 16.86 -14.91
N ARG D 14 19.37 17.40 -14.23
CA ARG D 14 19.22 17.67 -12.81
C ARG D 14 18.04 18.58 -12.68
N SER D 15 17.97 19.63 -13.49
CA SER D 15 16.95 20.60 -13.33
C SER D 15 15.62 20.03 -13.72
N GLN D 16 15.58 19.17 -14.71
CA GLN D 16 14.30 18.61 -15.12
C GLN D 16 13.64 17.63 -14.13
N VAL D 17 14.45 16.74 -13.50
CA VAL D 17 13.88 15.68 -12.65
C VAL D 17 13.50 16.30 -11.34
N THR D 18 14.39 17.17 -10.89
CA THR D 18 14.25 18.03 -9.69
C THR D 18 13.01 18.95 -9.81
N THR D 19 12.84 19.64 -10.94
CA THR D 19 11.62 20.43 -11.13
C THR D 19 10.30 19.59 -11.09
N LEU D 20 10.30 18.42 -11.70
CA LEU D 20 9.09 17.59 -11.72
C LEU D 20 8.80 16.93 -10.35
N THR D 21 9.84 16.54 -9.66
CA THR D 21 9.70 15.92 -8.37
C THR D 21 9.11 16.90 -7.34
N ARG D 22 9.46 18.18 -7.44
CA ARG D 22 8.89 19.28 -6.68
C ARG D 22 7.43 19.55 -6.99
N ARG D 23 7.06 19.49 -8.26
CA ARG D 23 5.67 19.71 -8.65
C ARG D 23 4.85 18.52 -8.09
N LEU D 24 5.37 17.30 -8.23
CA LEU D 24 4.70 16.12 -7.69
C LEU D 24 4.48 16.23 -6.18
N ARG D 25 5.56 16.59 -5.49
CA ARG D 25 5.56 16.88 -4.12
C ARG D 25 4.46 17.86 -3.72
N ARG D 26 4.25 18.96 -4.45
CA ARG D 26 3.21 19.98 -4.09
C ARG D 26 1.81 19.48 -4.48
N GLU D 27 1.72 18.69 -5.55
CA GLU D 27 0.42 18.13 -5.95
C GLU D 27 -0.11 17.18 -4.90
N ALA D 28 0.80 16.62 -4.10
CA ALA D 28 0.43 15.69 -3.05
C ALA D 28 0.00 16.47 -1.81
N GLN D 29 -0.39 17.73 -1.99
CA GLN D 29 -0.90 18.61 -0.92
C GLN D 29 0.00 18.59 0.34
N ALA D 30 1.32 18.56 0.09
CA ALA D 30 2.37 18.62 1.10
C ALA D 30 3.16 19.96 1.02
N ASP D 31 3.59 20.46 2.19
CA ASP D 31 4.64 21.47 2.28
C ASP D 31 6.01 20.77 2.48
N PRO D 32 7.10 21.53 2.61
CA PRO D 32 8.41 20.87 2.79
C PRO D 32 8.64 20.31 4.20
N VAL D 33 8.08 20.97 5.21
CA VAL D 33 8.13 20.47 6.58
C VAL D 33 7.59 19.02 6.69
N GLN D 34 6.41 18.78 6.11
CA GLN D 34 5.82 17.46 6.12
C GLN D 34 6.59 16.51 5.21
N PHE D 35 7.38 17.04 4.26
CA PHE D 35 8.16 16.15 3.35
C PHE D 35 9.22 15.35 4.09
N SER D 36 9.94 16.01 4.97
CA SER D 36 11.02 15.35 5.68
C SER D 36 10.46 14.07 6.35
N GLN D 37 9.34 14.17 7.10
CA GLN D 37 8.60 13.00 7.67
C GLN D 37 8.22 11.91 6.68
N LEU D 38 7.61 12.36 5.60
CA LEU D 38 7.25 11.48 4.52
C LEU D 38 8.45 10.70 3.97
N VAL D 39 9.65 11.29 3.91
CA VAL D 39 10.78 10.49 3.45
C VAL D 39 11.20 9.42 4.46
N VAL D 40 11.18 9.72 5.75
CA VAL D 40 11.48 8.73 6.77
C VAL D 40 10.49 7.56 6.67
N LEU D 41 9.18 7.86 6.54
CA LEU D 41 8.13 6.82 6.28
C LEU D 41 8.43 5.90 5.09
N GLY D 42 8.88 6.51 3.97
CA GLY D 42 9.19 5.73 2.77
C GLY D 42 10.44 4.93 2.95
N ALA D 43 11.36 5.43 3.74
CA ALA D 43 12.51 4.62 4.23
C ALA D 43 12.07 3.44 5.02
N ILE D 44 11.21 3.64 6.01
CA ILE D 44 10.80 2.49 6.83
C ILE D 44 10.15 1.48 5.91
N ASP D 45 9.19 1.92 5.13
CA ASP D 45 8.54 1.04 4.14
C ASP D 45 9.56 0.34 3.20
N ARG D 46 10.55 1.06 2.73
CA ARG D 46 11.56 0.48 1.85
C ARG D 46 12.43 -0.58 2.55
N LEU D 47 12.83 -0.31 3.79
CA LEU D 47 13.62 -1.27 4.54
C LEU D 47 12.87 -2.49 5.09
N GLY D 48 11.57 -2.61 4.88
CA GLY D 48 10.77 -3.79 5.30
C GLY D 48 9.96 -3.58 6.58
N GLY D 49 10.22 -2.48 7.28
CA GLY D 49 9.60 -2.27 8.60
C GLY D 49 10.43 -2.92 9.71
N ASP D 50 9.90 -2.83 10.93
CA ASP D 50 10.51 -3.50 12.09
C ASP D 50 12.02 -3.23 12.11
N VAL D 51 12.36 -1.94 12.06
CA VAL D 51 13.76 -1.49 12.01
C VAL D 51 14.17 -0.65 13.17
N THR D 52 15.44 -0.68 13.50
CA THR D 52 15.92 0.10 14.58
C THR D 52 16.29 1.48 14.07
N PRO D 53 16.03 2.50 14.91
CA PRO D 53 16.55 3.84 14.64
C PRO D 53 17.97 3.77 14.04
N SER D 54 18.86 3.03 14.66
CA SER D 54 20.23 3.16 14.25
C SER D 54 20.45 2.68 12.80
N GLU D 55 19.73 1.66 12.33
CA GLU D 55 19.86 1.19 10.92
C GLU D 55 19.11 2.12 9.93
N LEU D 56 17.96 2.62 10.38
CA LEU D 56 17.23 3.65 9.68
C LEU D 56 18.15 4.86 9.42
N ALA D 57 18.66 5.45 10.52
CA ALA D 57 19.55 6.62 10.48
C ALA D 57 20.72 6.41 9.54
N ALA D 58 21.41 5.30 9.72
CA ALA D 58 22.52 4.88 8.87
C ALA D 58 22.15 4.72 7.40
N ALA D 59 21.04 4.04 7.11
CA ALA D 59 20.58 3.87 5.73
C ALA D 59 20.13 5.19 5.08
N GLU D 60 19.74 6.17 5.88
CA GLU D 60 19.35 7.44 5.37
C GLU D 60 20.49 8.44 5.46
N ARG D 61 21.68 7.91 5.79
CA ARG D 61 22.87 8.71 6.04
C ARG D 61 22.54 9.96 6.82
N MSE D 62 21.89 9.79 7.98
CA MSE D 62 21.45 10.90 8.85
C MSE D 62 22.10 10.89 10.23
O MSE D 62 22.62 9.87 10.70
CB MSE D 62 19.95 10.80 9.14
CG MSE D 62 19.01 10.75 7.94
SE MSE D 62 17.10 10.60 8.54
CE MSE D 62 17.10 12.07 9.98
N ARG D 63 22.03 12.05 10.89
CA ARG D 63 22.39 12.16 12.31
C ARG D 63 21.22 11.59 13.10
N SER D 64 21.52 10.83 14.16
CA SER D 64 20.47 10.10 14.86
C SER D 64 19.65 11.04 15.77
N SER D 65 20.29 12.09 16.29
CA SER D 65 19.57 13.09 17.10
C SER D 65 18.41 13.76 16.33
N ASN D 66 18.62 13.98 15.03
CA ASN D 66 17.59 14.47 14.13
C ASN D 66 16.57 13.37 13.93
N LEU D 67 17.02 12.26 13.34
CA LEU D 67 16.13 11.11 13.14
C LEU D 67 15.19 10.97 14.30
N ALA D 68 15.78 10.95 15.48
CA ALA D 68 15.07 10.89 16.74
C ALA D 68 13.81 11.77 16.77
N ALA D 69 13.98 13.07 16.58
CA ALA D 69 12.87 14.04 16.51
C ALA D 69 11.83 13.81 15.38
N LEU D 70 12.28 13.30 14.25
CA LEU D 70 11.37 12.89 13.18
C LEU D 70 10.48 11.71 13.54
N LEU D 71 10.94 10.85 14.45
CA LEU D 71 10.16 9.70 14.87
C LEU D 71 9.20 10.12 15.98
N ARG D 72 9.69 11.03 16.83
CA ARG D 72 8.84 11.79 17.74
C ARG D 72 7.70 12.46 16.99
N GLU D 73 8.01 13.30 15.99
CA GLU D 73 6.97 13.96 15.19
C GLU D 73 5.97 12.92 14.67
N LEU D 74 6.49 11.78 14.22
CA LEU D 74 5.70 10.69 13.58
C LEU D 74 4.93 9.76 14.47
N GLU D 75 5.50 9.44 15.64
CA GLU D 75 4.90 8.47 16.54
C GLU D 75 3.71 9.17 17.22
N ARG D 76 3.81 10.50 17.25
CA ARG D 76 2.77 11.41 17.74
C ARG D 76 1.62 11.48 16.73
N GLY D 77 1.96 11.73 15.45
CA GLY D 77 0.98 11.66 14.37
C GLY D 77 0.19 10.34 14.32
N GLY D 78 0.73 9.26 14.89
CA GLY D 78 0.11 7.93 14.82
C GLY D 78 0.58 7.14 13.60
N LEU D 79 1.63 7.66 12.95
CA LEU D 79 2.06 7.18 11.65
C LEU D 79 3.06 6.04 11.72
N ILE D 80 3.68 5.85 12.88
CA ILE D 80 4.64 4.75 13.05
C ILE D 80 4.45 4.12 14.40
N VAL D 81 4.66 2.81 14.44
CA VAL D 81 4.62 2.00 15.65
C VAL D 81 6.04 1.79 16.22
N ARG D 82 6.24 2.26 17.45
CA ARG D 82 7.53 2.17 18.13
C ARG D 82 7.40 1.22 19.26
N HIS D 83 8.14 0.12 19.18
CA HIS D 83 8.13 -0.87 20.23
C HIS D 83 9.53 -1.30 20.59
N ALA D 84 9.69 -1.73 21.84
CA ALA D 84 10.92 -2.32 22.28
C ALA D 84 11.18 -3.59 21.52
N ASP D 85 12.45 -3.79 21.23
CA ASP D 85 12.94 -4.98 20.57
C ASP D 85 13.35 -6.00 21.66
N PRO D 86 13.08 -7.30 21.42
CA PRO D 86 13.85 -8.29 22.22
C PRO D 86 15.31 -8.36 21.78
N ARG D 91 16.83 -2.91 22.30
CA ARG D 91 16.63 -1.90 21.28
C ARG D 91 15.14 -1.60 21.12
N THR D 92 14.85 -0.69 20.19
CA THR D 92 13.48 -0.36 19.80
C THR D 92 13.33 -0.49 18.29
N ARG D 93 12.15 -0.96 17.90
CA ARG D 93 11.84 -1.31 16.50
C ARG D 93 10.66 -0.50 15.94
N VAL D 94 10.82 -0.05 14.71
CA VAL D 94 9.90 0.91 14.12
C VAL D 94 9.25 0.35 12.85
N SER D 95 7.91 0.37 12.83
CA SER D 95 7.13 0.02 11.65
C SER D 95 6.15 1.14 11.37
N LEU D 96 5.62 1.16 10.15
CA LEU D 96 4.48 2.04 9.79
C LEU D 96 3.23 1.53 10.52
N SER D 97 2.28 2.44 10.77
CA SER D 97 0.97 2.04 11.28
C SER D 97 0.09 1.89 10.06
N SER D 98 -1.13 1.43 10.24
CA SER D 98 -2.09 1.41 9.12
C SER D 98 -2.21 2.82 8.51
N GLU D 99 -2.28 3.83 9.39
CA GLU D 99 -2.45 5.19 8.93
C GLU D 99 -1.17 5.78 8.29
N GLY D 100 0.00 5.45 8.84
CA GLY D 100 1.30 5.70 8.18
C GLY D 100 1.37 5.12 6.77
N ARG D 101 0.91 3.88 6.61
CA ARG D 101 0.80 3.28 5.32
C ARG D 101 -0.21 3.93 4.39
N ARG D 102 -1.39 4.32 4.91
CA ARG D 102 -2.39 5.04 4.12
C ARG D 102 -1.82 6.39 3.75
N ASN D 103 -1.05 6.99 4.65
CA ASN D 103 -0.43 8.28 4.34
C ASN D 103 0.57 8.14 3.16
N LEU D 104 1.53 7.24 3.34
CA LEU D 104 2.59 7.06 2.35
C LEU D 104 2.03 6.70 0.95
N TYR D 105 1.19 5.67 0.93
CA TYR D 105 0.57 5.15 -0.26
C TYR D 105 -0.54 6.03 -0.87
N GLY D 106 -1.24 6.77 -0.02
CA GLY D 106 -2.17 7.81 -0.44
C GLY D 106 -1.44 9.01 -1.01
N ASN D 107 -0.26 9.31 -0.51
CA ASN D 107 0.51 10.40 -1.10
C ASN D 107 0.93 10.04 -2.59
N ARG D 108 1.60 8.90 -2.74
CA ARG D 108 1.98 8.31 -4.07
C ARG D 108 0.85 8.23 -5.08
N ALA D 109 -0.30 7.77 -4.61
CA ALA D 109 -1.54 7.77 -5.39
C ALA D 109 -2.01 9.16 -5.88
N LYS D 110 -1.97 10.16 -5.01
CA LYS D 110 -2.26 11.55 -5.42
C LYS D 110 -1.34 12.00 -6.57
N ARG D 111 -0.06 11.77 -6.36
CA ARG D 111 0.93 12.15 -7.30
C ARG D 111 0.77 11.46 -8.65
N GLU D 112 0.50 10.15 -8.64
CA GLU D 112 0.16 9.38 -9.82
C GLU D 112 -1.14 9.81 -10.47
N GLU D 113 -2.13 10.21 -9.67
CA GLU D 113 -3.38 10.72 -10.25
C GLU D 113 -3.17 12.01 -11.04
N TRP D 114 -2.56 12.99 -10.40
CA TRP D 114 -2.11 14.16 -11.07
C TRP D 114 -1.29 13.79 -12.33
N LEU D 115 -0.27 12.95 -12.16
CA LEU D 115 0.64 12.67 -13.25
C LEU D 115 -0.02 12.04 -14.50
N VAL D 116 -0.97 11.13 -14.26
CA VAL D 116 -1.73 10.57 -15.36
C VAL D 116 -2.57 11.61 -16.10
N ARG D 117 -3.04 12.65 -15.41
CA ARG D 117 -3.81 13.71 -16.05
C ARG D 117 -2.87 14.57 -16.87
N ALA D 118 -1.70 14.82 -16.30
CA ALA D 118 -0.72 15.69 -16.89
C ALA D 118 -0.23 15.11 -18.19
N MSE D 119 -0.03 13.78 -18.17
CA MSE D 119 0.46 13.02 -19.30
C MSE D 119 -0.54 12.88 -20.43
O MSE D 119 -0.20 12.82 -21.59
CB MSE D 119 0.91 11.64 -18.85
CG MSE D 119 2.19 11.68 -18.01
SE MSE D 119 2.81 9.93 -17.35
CE MSE D 119 3.77 9.28 -18.97
N HIS D 120 -1.81 12.81 -20.10
CA HIS D 120 -2.79 12.79 -21.18
C HIS D 120 -3.12 14.16 -21.78
N ALA D 121 -2.85 15.23 -21.04
CA ALA D 121 -2.97 16.56 -21.61
C ALA D 121 -1.80 16.86 -22.54
N CYS D 122 -0.59 16.68 -22.00
CA CYS D 122 0.67 17.22 -22.48
C CYS D 122 1.45 16.43 -23.52
N LEU D 123 1.13 15.15 -23.71
CA LEU D 123 1.99 14.25 -24.47
C LEU D 123 1.21 13.34 -25.37
N ASP D 124 1.77 12.94 -26.51
CA ASP D 124 1.13 11.95 -27.40
C ASP D 124 1.75 10.58 -27.15
N GLU D 125 1.23 9.56 -27.84
CA GLU D 125 1.68 8.18 -27.65
C GLU D 125 3.16 8.14 -27.83
N SER D 126 3.62 8.94 -28.78
CA SER D 126 5.04 9.09 -29.12
C SER D 126 5.92 9.48 -27.94
N GLU D 127 5.52 10.56 -27.26
CA GLU D 127 6.26 11.15 -26.14
C GLU D 127 6.21 10.31 -24.88
N ARG D 128 5.10 9.58 -24.74
CA ARG D 128 4.93 8.60 -23.67
C ARG D 128 5.82 7.38 -23.87
N ALA D 129 5.86 6.90 -25.11
CA ALA D 129 6.84 5.88 -25.48
C ALA D 129 8.25 6.30 -25.11
N LEU D 130 8.69 7.49 -25.57
CA LEU D 130 9.95 8.05 -25.16
C LEU D 130 10.21 8.06 -23.66
N LEU D 131 9.27 8.60 -22.92
CA LEU D 131 9.42 8.66 -21.45
C LEU D 131 9.42 7.27 -20.88
N ALA D 132 8.53 6.43 -21.37
CA ALA D 132 8.61 5.00 -20.99
C ALA D 132 10.04 4.36 -21.24
N ALA D 133 10.68 4.75 -22.36
CA ALA D 133 12.02 4.23 -22.73
C ALA D 133 13.11 4.84 -21.88
N ALA D 134 13.00 6.12 -21.60
CA ALA D 134 13.97 6.90 -20.81
C ALA D 134 13.97 6.68 -19.31
N GLY D 135 12.77 6.47 -18.80
CA GLY D 135 12.51 6.38 -17.42
C GLY D 135 13.42 5.38 -16.79
N PRO D 136 13.44 4.18 -17.35
CA PRO D 136 14.30 3.26 -16.71
C PRO D 136 15.76 3.67 -16.64
N LEU D 137 16.23 4.62 -17.44
CA LEU D 137 17.63 4.98 -17.42
C LEU D 137 17.85 5.80 -16.21
N LEU D 138 16.80 6.43 -15.69
CA LEU D 138 16.86 7.28 -14.50
C LEU D 138 17.13 6.38 -13.35
N THR D 139 16.48 5.24 -13.40
CA THR D 139 16.56 4.22 -12.35
C THR D 139 17.98 3.66 -12.34
N ARG D 140 18.54 3.43 -13.53
CA ARG D 140 19.91 2.97 -13.68
C ARG D 140 20.89 3.95 -13.08
N LEU D 141 20.74 5.24 -13.41
CA LEU D 141 21.53 6.28 -12.75
C LEU D 141 21.40 6.22 -11.21
N ALA D 142 20.20 6.10 -10.68
CA ALA D 142 19.94 6.04 -9.20
C ALA D 142 20.70 4.92 -8.44
N GLN D 143 20.94 3.81 -9.12
CA GLN D 143 21.65 2.62 -8.65
C GLN D 143 23.11 2.60 -9.02
N PHE D 144 23.63 3.67 -9.63
CA PHE D 144 25.02 3.72 -9.98
C PHE D 144 25.90 3.74 -8.74
N GLU D 145 26.91 2.85 -8.71
CA GLU D 145 27.90 2.77 -7.61
C GLU D 145 29.08 2.06 -8.16
#